data_2QX0
#
_entry.id   2QX0
#
_cell.length_a   43.40
_cell.length_b   78.62
_cell.length_c   52.60
_cell.angle_alpha   90.000
_cell.angle_beta   100.72
_cell.angle_gamma   90.000
#
_symmetry.space_group_name_H-M   'P 1 21 1'
#
loop_
_entity.id
_entity.type
_entity.pdbx_description
1 polymer 7,8-dihydro-6-hydroxymethylpterin-pyrophosphokinase
2 non-polymer 'MAGNESIUM ION'
3 non-polymer 'DIPHOSPHOMETHYLPHOSPHONIC ACID ADENOSYL ESTER'
4 non-polymer 2-AMINO-6-HYDROXYMETHYL-7,8-DIHYDRO-3H-PTERIDIN-4-ONE
5 water water
#
_entity_poly.entity_id   1
_entity_poly.type   'polypeptide(L)'
_entity_poly.pdbx_seq_one_letter_code
;MIRVYIALGSNLAMPLQQVSAAREALAHLPRSRLVA(CSO)SPLYRTKPLGPQDQPDFLNAVVALDTSLPPEQLLDHTQA
IERNQGRVRKEQRWGPRTLDLDIMLYGDQVIKTDRLTIPHYGLKAREFMLYPLADIAPDLIFPDGESLSECLKRVDKNGL
VLW
;
_entity_poly.pdbx_strand_id   A,B
#
# COMPACT_ATOMS: atom_id res chain seq x y z
N MET A 1 -5.73 -23.86 12.71
CA MET A 1 -5.88 -22.57 11.99
C MET A 1 -4.70 -21.63 12.26
N ILE A 2 -4.48 -20.69 11.36
CA ILE A 2 -3.39 -19.73 11.47
C ILE A 2 -3.83 -18.48 12.21
N ARG A 3 -3.00 -18.01 13.14
CA ARG A 3 -3.29 -16.82 13.92
C ARG A 3 -2.94 -15.58 13.09
N VAL A 4 -3.93 -14.73 12.85
CA VAL A 4 -3.76 -13.53 12.06
C VAL A 4 -4.09 -12.29 12.89
N TYR A 5 -3.44 -11.17 12.57
CA TYR A 5 -3.67 -9.90 13.25
C TYR A 5 -4.04 -8.88 12.19
N ILE A 6 -5.19 -8.24 12.38
CA ILE A 6 -5.69 -7.27 11.42
C ILE A 6 -5.80 -5.89 12.04
N ALA A 7 -5.32 -4.91 11.30
CA ALA A 7 -5.36 -3.54 11.74
C ALA A 7 -6.63 -2.90 11.14
N LEU A 8 -7.42 -2.24 11.99
CA LEU A 8 -8.63 -1.58 11.53
C LEU A 8 -8.34 -0.10 11.70
N GLY A 9 -8.74 0.69 10.72
CA GLY A 9 -8.53 2.13 10.78
C GLY A 9 -9.63 2.87 10.02
N SER A 10 -9.99 4.05 10.53
CA SER A 10 -11.01 4.88 9.92
C SER A 10 -10.83 6.27 10.50
N ASN A 11 -10.85 7.30 9.66
CA ASN A 11 -10.72 8.65 10.19
C ASN A 11 -11.85 9.54 9.71
N LEU A 12 -13.06 8.97 9.67
CA LEU A 12 -14.24 9.72 9.28
C LEU A 12 -14.60 10.51 10.53
N ALA A 13 -15.55 11.43 10.41
CA ALA A 13 -15.98 12.24 11.56
C ALA A 13 -16.56 11.31 12.63
N MET A 14 -17.36 10.33 12.19
CA MET A 14 -17.97 9.34 13.09
C MET A 14 -17.41 7.98 12.69
N PRO A 15 -16.18 7.66 13.10
CA PRO A 15 -15.53 6.39 12.78
C PRO A 15 -15.94 5.16 13.58
N LEU A 16 -16.54 5.37 14.75
CA LEU A 16 -16.97 4.26 15.60
C LEU A 16 -17.82 3.25 14.84
N GLN A 17 -18.78 3.74 14.07
CA GLN A 17 -19.67 2.88 13.29
C GLN A 17 -18.92 1.90 12.41
N GLN A 18 -17.96 2.42 11.65
CA GLN A 18 -17.18 1.62 10.72
C GLN A 18 -16.39 0.51 11.41
N VAL A 19 -15.64 0.87 12.43
CA VAL A 19 -14.84 -0.11 13.15
C VAL A 19 -15.71 -1.19 13.79
N SER A 20 -16.85 -0.82 14.34
CA SER A 20 -17.72 -1.82 14.97
C SER A 20 -18.28 -2.79 13.94
N ALA A 21 -18.75 -2.25 12.81
CA ALA A 21 -19.29 -3.08 11.75
C ALA A 21 -18.20 -4.02 11.23
N ALA A 22 -16.97 -3.53 11.13
CA ALA A 22 -15.84 -4.32 10.64
C ALA A 22 -15.49 -5.49 11.56
N ARG A 23 -15.49 -5.23 12.87
CA ARG A 23 -15.19 -6.26 13.86
C ARG A 23 -16.19 -7.41 13.76
N GLU A 24 -17.44 -7.09 13.47
CA GLU A 24 -18.47 -8.12 13.34
C GLU A 24 -18.31 -8.86 12.02
N ALA A 25 -18.03 -8.12 10.95
CA ALA A 25 -17.86 -8.74 9.64
C ALA A 25 -16.69 -9.71 9.70
N LEU A 26 -15.61 -9.32 10.40
CA LEU A 26 -14.45 -10.19 10.52
C LEU A 26 -14.77 -11.46 11.29
N ALA A 27 -15.52 -11.30 12.39
CA ALA A 27 -15.90 -12.42 13.23
C ALA A 27 -16.72 -13.48 12.49
N HIS A 28 -17.38 -13.06 11.42
CA HIS A 28 -18.22 -13.97 10.66
C HIS A 28 -17.59 -14.39 9.34
N LEU A 29 -16.27 -14.31 9.24
CA LEU A 29 -15.59 -14.72 8.00
C LEU A 29 -15.53 -16.23 7.89
N PRO A 30 -15.61 -16.75 6.66
CA PRO A 30 -15.57 -18.20 6.44
C PRO A 30 -14.33 -18.83 7.06
N ARG A 31 -14.53 -20.02 7.64
CA ARG A 31 -13.45 -20.77 8.26
C ARG A 31 -12.51 -19.92 9.08
N SER A 32 -13.09 -19.00 9.85
CA SER A 32 -12.33 -18.10 10.70
C SER A 32 -13.02 -17.87 12.04
N ARG A 33 -12.24 -17.56 13.06
CA ARG A 33 -12.80 -17.29 14.38
C ARG A 33 -12.14 -16.08 15.03
N LEU A 34 -12.96 -15.16 15.51
CA LEU A 34 -12.47 -13.98 16.20
C LEU A 34 -11.86 -14.48 17.50
N VAL A 35 -10.68 -13.99 17.86
CA VAL A 35 -10.06 -14.43 19.10
C VAL A 35 -9.98 -13.33 20.15
N ALA A 36 -9.66 -12.12 19.73
CA ALA A 36 -9.54 -11.03 20.70
C ALA A 36 -9.54 -9.67 20.04
N SER A 38 -8.52 -5.45 20.58
CA SER A 38 -7.73 -4.51 21.35
C SER A 38 -8.62 -3.33 21.74
N PRO A 39 -8.08 -2.44 22.60
CA PRO A 39 -8.90 -1.28 22.99
C PRO A 39 -8.95 -0.40 21.73
N LEU A 40 -9.80 0.62 21.75
CA LEU A 40 -9.90 1.54 20.62
C LEU A 40 -8.98 2.73 20.89
N TYR A 41 -8.27 3.20 19.86
CA TYR A 41 -7.33 4.32 20.01
C TYR A 41 -7.52 5.48 19.05
N ARG A 42 -7.32 6.69 19.56
CA ARG A 42 -7.40 7.91 18.76
C ARG A 42 -5.93 8.17 18.41
N THR A 43 -5.63 8.24 17.12
CA THR A 43 -4.26 8.45 16.68
C THR A 43 -4.13 9.55 15.62
N LYS A 44 -2.91 10.08 15.50
CA LYS A 44 -2.63 11.16 14.55
C LYS A 44 -2.37 10.62 13.14
N PRO A 45 -3.09 11.15 12.15
CA PRO A 45 -2.94 10.72 10.75
C PRO A 45 -1.57 11.03 10.14
N LEU A 46 -1.05 10.07 9.39
CA LEU A 46 0.25 10.24 8.73
C LEU A 46 0.07 11.08 7.47
N GLY A 47 1.12 11.80 7.08
CA GLY A 47 1.02 12.61 5.88
C GLY A 47 0.85 14.09 6.13
N PRO A 48 1.28 14.93 5.18
CA PRO A 48 1.19 16.39 5.29
C PRO A 48 -0.23 16.94 5.30
N GLN A 49 -1.14 16.28 4.57
CA GLN A 49 -2.52 16.71 4.50
C GLN A 49 -3.15 16.78 5.88
N ASP A 50 -4.05 17.75 6.07
CA ASP A 50 -4.73 17.92 7.35
C ASP A 50 -6.09 17.22 7.27
N GLN A 51 -6.31 16.25 8.15
CA GLN A 51 -7.56 15.51 8.16
C GLN A 51 -7.90 15.03 9.57
N PRO A 52 -9.10 14.45 9.76
CA PRO A 52 -9.53 13.97 11.07
C PRO A 52 -8.59 12.93 11.67
N ASP A 53 -8.57 12.83 13.01
CA ASP A 53 -7.74 11.84 13.66
C ASP A 53 -8.26 10.47 13.25
N PHE A 54 -7.43 9.46 13.46
CA PHE A 54 -7.82 8.10 13.12
C PHE A 54 -8.29 7.35 14.35
N LEU A 55 -9.14 6.41 14.08
CA LEU A 55 -9.63 5.48 15.08
C LEU A 55 -8.94 4.18 14.70
N ASN A 56 -8.09 3.64 15.55
CA ASN A 56 -7.39 2.41 15.25
C ASN A 56 -7.60 1.35 16.31
N ALA A 57 -7.61 0.11 15.86
CA ALA A 57 -7.77 -1.05 16.73
C ALA A 57 -7.11 -2.22 16.04
N VAL A 58 -6.87 -3.28 16.80
CA VAL A 58 -6.24 -4.48 16.26
C VAL A 58 -7.09 -5.68 16.69
N VAL A 59 -7.37 -6.56 15.75
CA VAL A 59 -8.14 -7.75 16.06
C VAL A 59 -7.33 -9.00 15.77
N ALA A 60 -7.50 -10.01 16.61
CA ALA A 60 -6.80 -11.29 16.43
C ALA A 60 -7.84 -12.31 16.00
N LEU A 61 -7.51 -13.10 15.00
CA LEU A 61 -8.43 -14.13 14.54
C LEU A 61 -7.66 -15.36 14.06
N ASP A 62 -8.31 -16.52 14.15
CA ASP A 62 -7.72 -17.77 13.68
C ASP A 62 -8.41 -18.03 12.35
N THR A 63 -7.66 -18.46 11.34
CA THR A 63 -8.29 -18.72 10.06
C THR A 63 -7.67 -19.86 9.27
N SER A 64 -8.48 -20.45 8.39
CA SER A 64 -8.03 -21.54 7.54
C SER A 64 -7.86 -20.99 6.12
N LEU A 65 -8.27 -19.74 5.95
CA LEU A 65 -8.17 -19.08 4.64
C LEU A 65 -6.73 -18.71 4.30
N PRO A 66 -6.30 -19.02 3.06
CA PRO A 66 -4.94 -18.68 2.65
C PRO A 66 -4.86 -17.15 2.51
N PRO A 67 -3.64 -16.58 2.49
CA PRO A 67 -3.49 -15.14 2.37
C PRO A 67 -4.37 -14.45 1.33
N GLU A 68 -4.32 -14.93 0.09
CA GLU A 68 -5.12 -14.35 -0.98
C GLU A 68 -6.62 -14.35 -0.71
N GLN A 69 -7.14 -15.45 -0.16
CA GLN A 69 -8.56 -15.51 0.13
C GLN A 69 -8.92 -14.58 1.27
N LEU A 70 -8.05 -14.52 2.27
CA LEU A 70 -8.26 -13.63 3.41
C LEU A 70 -8.35 -12.19 2.91
N LEU A 71 -7.40 -11.81 2.06
CA LEU A 71 -7.35 -10.46 1.49
C LEU A 71 -8.61 -10.15 0.67
N ASP A 72 -9.07 -11.12 -0.13
CA ASP A 72 -10.27 -10.92 -0.92
C ASP A 72 -11.44 -10.60 0.01
N HIS A 73 -11.46 -11.27 1.15
CA HIS A 73 -12.53 -11.06 2.12
C HIS A 73 -12.44 -9.74 2.87
N THR A 74 -11.23 -9.35 3.30
CA THR A 74 -11.12 -8.07 4.01
C THR A 74 -11.44 -6.91 3.06
N GLN A 75 -10.95 -6.99 1.82
CA GLN A 75 -11.22 -5.93 0.84
C GLN A 75 -12.72 -5.87 0.55
N ALA A 76 -13.37 -7.04 0.56
CA ALA A 76 -14.80 -7.10 0.32
C ALA A 76 -15.49 -6.27 1.41
N ILE A 77 -15.05 -6.43 2.65
CA ILE A 77 -15.61 -5.68 3.76
C ILE A 77 -15.36 -4.19 3.60
N GLU A 78 -14.12 -3.80 3.30
CA GLU A 78 -13.80 -2.39 3.10
C GLU A 78 -14.72 -1.83 2.02
N ARG A 79 -14.77 -2.55 0.90
CA ARG A 79 -15.58 -2.17 -0.26
C ARG A 79 -17.06 -2.01 0.08
N ASN A 80 -17.62 -2.97 0.82
CA ASN A 80 -19.01 -2.90 1.19
C ASN A 80 -19.30 -1.63 1.99
N GLN A 81 -18.42 -1.33 2.94
CA GLN A 81 -18.60 -0.15 3.77
C GLN A 81 -18.33 1.16 3.03
N GLY A 82 -17.36 1.14 2.12
CA GLY A 82 -17.02 2.33 1.36
C GLY A 82 -17.99 2.65 0.23
N ARG A 83 -18.38 1.62 -0.52
CA ARG A 83 -19.31 1.80 -1.63
C ARG A 83 -20.56 2.58 -1.22
N VAL A 84 -21.20 2.12 -0.15
CA VAL A 84 -22.43 2.73 0.36
C VAL A 84 -22.30 4.23 0.58
N ARG A 85 -21.07 4.70 0.80
CA ARG A 85 -20.82 6.11 1.03
C ARG A 85 -20.21 6.80 -0.18
N LYS A 86 -20.00 6.04 -1.26
CA LYS A 86 -19.39 6.60 -2.46
C LYS A 86 -18.11 7.31 -2.03
N GLU A 87 -17.42 6.68 -1.09
CA GLU A 87 -16.18 7.18 -0.52
C GLU A 87 -15.18 7.77 -1.51
N GLN A 88 -14.75 8.99 -1.22
CA GLN A 88 -13.76 9.69 -2.06
C GLN A 88 -12.37 9.22 -1.66
N ARG A 89 -11.54 8.89 -2.66
CA ARG A 89 -10.18 8.42 -2.37
C ARG A 89 -9.34 9.45 -1.60
N TRP A 90 -9.45 10.72 -1.99
CA TRP A 90 -8.67 11.77 -1.35
C TRP A 90 -9.40 12.54 -0.27
N GLY A 91 -10.13 11.80 0.55
CA GLY A 91 -10.87 12.38 1.66
C GLY A 91 -10.73 11.41 2.83
N PRO A 92 -11.53 11.57 3.90
CA PRO A 92 -11.42 10.67 5.05
C PRO A 92 -11.61 9.21 4.62
N ARG A 93 -10.92 8.31 5.30
CA ARG A 93 -10.98 6.88 5.00
C ARG A 93 -12.10 6.21 5.79
N THR A 94 -13.02 5.56 5.08
CA THR A 94 -14.14 4.89 5.73
C THR A 94 -13.68 3.73 6.60
N LEU A 95 -12.94 2.80 5.98
CA LEU A 95 -12.45 1.63 6.70
C LEU A 95 -11.26 1.01 5.97
N ASP A 96 -10.14 0.87 6.67
CA ASP A 96 -8.94 0.28 6.09
C ASP A 96 -8.56 -0.93 6.94
N LEU A 97 -8.47 -2.10 6.30
CA LEU A 97 -8.12 -3.34 7.00
C LEU A 97 -6.78 -3.85 6.49
N ASP A 98 -5.75 -3.71 7.30
CA ASP A 98 -4.43 -4.16 6.89
C ASP A 98 -4.08 -5.47 7.58
N ILE A 99 -3.64 -6.46 6.80
CA ILE A 99 -3.25 -7.73 7.40
C ILE A 99 -1.88 -7.44 7.96
N MET A 100 -1.78 -7.42 9.28
CA MET A 100 -0.54 -7.12 9.97
C MET A 100 0.42 -8.30 10.01
N LEU A 101 -0.10 -9.45 10.43
CA LEU A 101 0.68 -10.67 10.54
C LEU A 101 -0.16 -11.86 10.14
N TYR A 102 0.49 -12.87 9.55
CA TYR A 102 -0.20 -14.10 9.14
C TYR A 102 0.64 -15.26 9.68
N GLY A 103 0.25 -15.77 10.85
CA GLY A 103 1.03 -16.84 11.46
C GLY A 103 2.39 -16.23 11.73
N ASP A 104 3.46 -16.96 11.44
CA ASP A 104 4.80 -16.41 11.60
C ASP A 104 5.45 -16.47 10.21
N GLN A 105 4.61 -16.28 9.20
CA GLN A 105 5.04 -16.34 7.80
C GLN A 105 5.35 -14.99 7.17
N VAL A 106 6.21 -15.05 6.16
CA VAL A 106 6.60 -13.87 5.38
C VAL A 106 5.96 -14.11 4.02
N ILE A 107 4.97 -13.30 3.69
CA ILE A 107 4.23 -13.39 2.43
C ILE A 107 4.54 -12.21 1.53
N LYS A 108 5.02 -12.49 0.33
CA LYS A 108 5.36 -11.43 -0.63
C LYS A 108 4.85 -11.86 -2.01
N THR A 109 3.78 -11.21 -2.46
CA THR A 109 3.21 -11.53 -3.76
C THR A 109 2.89 -10.24 -4.49
N ASP A 110 2.20 -10.35 -5.62
CA ASP A 110 1.85 -9.16 -6.39
C ASP A 110 0.80 -8.30 -5.68
N ARG A 111 0.10 -8.89 -4.72
CA ARG A 111 -0.95 -8.18 -3.99
C ARG A 111 -0.70 -8.08 -2.49
N LEU A 112 0.28 -8.82 -1.99
CA LEU A 112 0.53 -8.84 -0.56
C LEU A 112 1.97 -8.72 -0.10
N THR A 113 2.15 -8.10 1.06
CA THR A 113 3.44 -8.02 1.74
C THR A 113 3.06 -8.10 3.23
N ILE A 114 3.41 -9.21 3.85
CA ILE A 114 3.10 -9.47 5.26
C ILE A 114 4.37 -10.04 5.86
N PRO A 115 4.79 -9.53 7.02
CA PRO A 115 4.19 -8.46 7.84
C PRO A 115 3.98 -7.15 7.07
N HIS A 116 2.94 -6.40 7.46
CA HIS A 116 2.68 -5.12 6.82
C HIS A 116 3.98 -4.33 6.88
N TYR A 117 4.35 -3.71 5.77
CA TYR A 117 5.60 -2.96 5.68
C TYR A 117 5.80 -1.92 6.77
N GLY A 118 4.72 -1.32 7.24
CA GLY A 118 4.87 -0.27 8.24
C GLY A 118 4.64 -0.67 9.69
N LEU A 119 4.35 -1.94 9.92
CA LEU A 119 4.08 -2.43 11.26
C LEU A 119 5.07 -1.99 12.33
N LYS A 120 6.35 -2.20 12.08
CA LYS A 120 7.39 -1.85 13.05
C LYS A 120 7.65 -0.37 13.29
N ALA A 121 6.98 0.51 12.54
CA ALA A 121 7.19 1.94 12.72
C ALA A 121 5.91 2.68 13.06
N ARG A 122 4.80 1.95 13.10
CA ARG A 122 3.51 2.56 13.38
C ARG A 122 2.97 2.30 14.78
N GLU A 123 2.93 3.33 15.59
CA GLU A 123 2.44 3.20 16.95
C GLU A 123 0.98 2.73 16.97
N PHE A 124 0.19 3.15 15.97
CA PHE A 124 -1.22 2.78 15.94
C PHE A 124 -1.47 1.31 15.60
N MET A 125 -0.41 0.59 15.22
CA MET A 125 -0.51 -0.83 14.96
C MET A 125 0.15 -1.61 16.11
N LEU A 126 1.32 -1.13 16.52
CA LEU A 126 2.10 -1.78 17.57
C LEU A 126 1.51 -1.76 18.98
N TYR A 127 1.04 -0.62 19.44
CA TYR A 127 0.50 -0.54 20.79
C TYR A 127 -0.74 -1.41 20.98
N PRO A 128 -1.73 -1.30 20.08
CA PRO A 128 -2.93 -2.14 20.22
C PRO A 128 -2.52 -3.61 20.12
N LEU A 129 -1.54 -3.90 19.27
CA LEU A 129 -1.07 -5.28 19.13
C LEU A 129 -0.50 -5.79 20.44
N ALA A 130 0.28 -4.95 21.13
CA ALA A 130 0.89 -5.35 22.39
C ALA A 130 -0.17 -5.58 23.47
N ASP A 131 -1.30 -4.90 23.36
CA ASP A 131 -2.35 -5.09 24.35
C ASP A 131 -2.91 -6.51 24.31
N ILE A 132 -3.00 -7.10 23.13
CA ILE A 132 -3.54 -8.45 23.03
C ILE A 132 -2.50 -9.53 22.79
N ALA A 133 -1.29 -9.14 22.43
CA ALA A 133 -0.21 -10.10 22.18
C ALA A 133 1.14 -9.55 22.68
N PRO A 134 1.24 -9.25 23.99
CA PRO A 134 2.47 -8.70 24.58
C PRO A 134 3.76 -9.50 24.40
N ASP A 135 3.68 -10.83 24.36
CA ASP A 135 4.88 -11.64 24.21
C ASP A 135 5.15 -12.08 22.78
N LEU A 136 4.48 -11.46 21.82
CA LEU A 136 4.66 -11.84 20.43
C LEU A 136 6.08 -11.58 19.93
N ILE A 137 6.53 -12.45 19.03
CA ILE A 137 7.84 -12.32 18.41
C ILE A 137 7.61 -12.34 16.91
N PHE A 138 8.10 -11.31 16.23
CA PHE A 138 7.95 -11.18 14.79
C PHE A 138 8.69 -12.26 14.01
N PRO A 139 8.31 -12.48 12.75
CA PRO A 139 8.95 -13.50 11.92
C PRO A 139 10.48 -13.38 11.87
N ASP A 140 10.99 -12.15 11.92
CA ASP A 140 12.43 -11.92 11.86
C ASP A 140 13.15 -12.18 13.18
N GLY A 141 12.40 -12.54 14.21
CA GLY A 141 13.01 -12.83 15.49
C GLY A 141 13.01 -11.73 16.54
N GLU A 142 12.66 -10.51 16.16
CA GLU A 142 12.63 -9.42 17.12
C GLU A 142 11.31 -9.47 17.89
N SER A 143 11.35 -9.19 19.19
CA SER A 143 10.15 -9.23 19.99
C SER A 143 9.39 -7.92 19.88
N LEU A 144 8.09 -7.98 20.05
CA LEU A 144 7.25 -6.78 19.99
C LEU A 144 7.65 -5.85 21.13
N SER A 145 7.95 -6.43 22.29
CA SER A 145 8.35 -5.64 23.45
C SER A 145 9.59 -4.80 23.17
N GLU A 146 10.56 -5.37 22.46
CA GLU A 146 11.77 -4.63 22.14
C GLU A 146 11.47 -3.58 21.08
N CYS A 147 10.60 -3.93 20.15
CA CYS A 147 10.22 -3.01 19.09
C CYS A 147 9.51 -1.79 19.68
N LEU A 148 8.72 -2.01 20.74
CA LEU A 148 7.98 -0.92 21.40
C LEU A 148 8.90 0.15 21.99
N LYS A 149 10.08 -0.26 22.43
CA LYS A 149 11.04 0.67 23.02
C LYS A 149 11.49 1.71 22.00
N ARG A 150 11.45 1.35 20.73
CA ARG A 150 11.87 2.24 19.65
C ARG A 150 10.77 3.14 19.11
N VAL A 151 9.51 2.73 19.24
CA VAL A 151 8.40 3.53 18.73
C VAL A 151 7.61 4.21 19.84
N ASP A 152 7.48 5.53 19.70
CA ASP A 152 6.77 6.36 20.68
C ASP A 152 5.26 6.35 20.42
N LYS A 153 4.47 6.65 21.45
CA LYS A 153 3.02 6.69 21.29
C LYS A 153 2.62 7.69 20.23
N ASN A 154 3.50 8.66 19.97
CA ASN A 154 3.25 9.68 18.96
C ASN A 154 1.88 10.35 19.07
N GLY A 155 1.44 10.63 20.28
CA GLY A 155 0.16 11.29 20.47
C GLY A 155 -1.01 10.33 20.57
N LEU A 156 -0.70 9.03 20.54
CA LEU A 156 -1.72 8.00 20.63
C LEU A 156 -2.38 7.97 22.01
N VAL A 157 -3.70 8.06 22.04
CA VAL A 157 -4.46 8.02 23.28
C VAL A 157 -5.72 7.19 23.06
N LEU A 158 -6.36 6.78 24.15
CA LEU A 158 -7.58 6.01 24.04
C LEU A 158 -8.62 6.88 23.38
N TRP A 159 -9.51 6.25 22.61
CA TRP A 159 -10.56 6.99 21.92
C TRP A 159 -11.60 7.53 22.91
N MET B 1 22.84 13.59 -7.95
CA MET B 1 21.43 13.28 -7.61
C MET B 1 21.21 11.78 -7.53
N ILE B 2 20.07 11.37 -6.98
CA ILE B 2 19.75 9.95 -6.84
C ILE B 2 18.81 9.49 -7.94
N ARG B 3 19.12 8.35 -8.54
CA ARG B 3 18.30 7.79 -9.61
C ARG B 3 17.07 7.11 -9.01
N VAL B 4 15.90 7.57 -9.43
CA VAL B 4 14.63 7.05 -8.94
C VAL B 4 13.77 6.51 -10.09
N TYR B 5 13.00 5.47 -9.80
CA TYR B 5 12.12 4.87 -10.78
C TYR B 5 10.71 4.92 -10.23
N ILE B 6 9.81 5.57 -10.97
CA ILE B 6 8.42 5.72 -10.54
C ILE B 6 7.48 4.98 -11.48
N ALA B 7 6.53 4.29 -10.88
CA ALA B 7 5.56 3.54 -11.66
C ALA B 7 4.30 4.39 -11.78
N LEU B 8 3.79 4.52 -13.01
CA LEU B 8 2.58 5.29 -13.24
C LEU B 8 1.55 4.26 -13.65
N GLY B 9 0.34 4.41 -13.12
CA GLY B 9 -0.74 3.49 -13.44
C GLY B 9 -2.07 4.22 -13.41
N SER B 10 -2.97 3.81 -14.28
CA SER B 10 -4.31 4.39 -14.37
C SER B 10 -5.17 3.41 -15.14
N ASN B 11 -6.36 3.10 -14.61
CA ASN B 11 -7.23 2.18 -15.34
C ASN B 11 -8.59 2.80 -15.62
N LEU B 12 -8.58 4.11 -15.87
CA LEU B 12 -9.79 4.83 -16.21
C LEU B 12 -10.11 4.38 -17.63
N ALA B 13 -11.33 4.63 -18.09
CA ALA B 13 -11.72 4.27 -19.45
C ALA B 13 -10.78 4.92 -20.46
N MET B 14 -10.40 6.15 -20.19
CA MET B 14 -9.48 6.91 -21.05
C MET B 14 -8.36 7.41 -20.14
N PRO B 15 -7.39 6.54 -19.84
CA PRO B 15 -6.22 6.76 -18.98
C PRO B 15 -5.04 7.51 -19.59
N LEU B 16 -5.03 7.65 -20.91
CA LEU B 16 -3.94 8.31 -21.61
C LEU B 16 -3.59 9.69 -21.06
N GLN B 17 -4.61 10.54 -20.92
CA GLN B 17 -4.42 11.90 -20.44
C GLN B 17 -3.82 11.96 -19.04
N GLN B 18 -4.23 11.03 -18.18
CA GLN B 18 -3.72 11.00 -16.81
C GLN B 18 -2.22 10.75 -16.79
N VAL B 19 -1.80 9.71 -17.48
CA VAL B 19 -0.39 9.35 -17.53
C VAL B 19 0.46 10.44 -18.17
N SER B 20 -0.06 11.09 -19.22
CA SER B 20 0.72 12.15 -19.87
C SER B 20 0.91 13.34 -18.95
N ALA B 21 -0.16 13.76 -18.28
CA ALA B 21 -0.10 14.88 -17.35
C ALA B 21 0.88 14.54 -16.22
N ALA B 22 0.84 13.29 -15.77
CA ALA B 22 1.71 12.84 -14.68
C ALA B 22 3.19 12.92 -15.08
N ARG B 23 3.51 12.43 -16.27
CA ARG B 23 4.89 12.47 -16.75
C ARG B 23 5.35 13.93 -16.79
N GLU B 24 4.41 14.82 -17.12
CA GLU B 24 4.74 16.23 -17.20
C GLU B 24 5.01 16.75 -15.80
N ALA B 25 4.10 16.45 -14.89
CA ALA B 25 4.22 16.88 -13.50
C ALA B 25 5.52 16.39 -12.88
N LEU B 26 5.92 15.17 -13.22
CA LEU B 26 7.15 14.61 -12.69
C LEU B 26 8.40 15.31 -13.19
N ALA B 27 8.43 15.60 -14.49
CA ALA B 27 9.58 16.27 -15.10
C ALA B 27 9.84 17.65 -14.50
N HIS B 28 8.81 18.22 -13.89
CA HIS B 28 8.96 19.55 -13.32
C HIS B 28 9.02 19.54 -11.79
N LEU B 29 9.44 18.43 -11.20
CA LEU B 29 9.55 18.35 -9.75
C LEU B 29 10.79 19.12 -9.27
N PRO B 30 10.67 19.80 -8.12
CA PRO B 30 11.81 20.57 -7.59
C PRO B 30 13.05 19.71 -7.49
N ARG B 31 14.19 20.31 -7.81
CA ARG B 31 15.48 19.63 -7.74
C ARG B 31 15.45 18.21 -8.31
N SER B 32 14.79 18.05 -9.44
CA SER B 32 14.68 16.74 -10.09
C SER B 32 14.79 16.90 -11.61
N ARG B 33 15.19 15.81 -12.28
CA ARG B 33 15.32 15.83 -13.73
C ARG B 33 14.79 14.54 -14.35
N LEU B 34 13.86 14.68 -15.31
CA LEU B 34 13.33 13.51 -15.99
C LEU B 34 14.49 12.94 -16.78
N VAL B 35 14.68 11.63 -16.73
CA VAL B 35 15.79 11.03 -17.46
C VAL B 35 15.36 10.13 -18.61
N ALA B 36 14.28 9.37 -18.41
CA ALA B 36 13.82 8.48 -19.46
C ALA B 36 12.40 7.95 -19.23
N SER B 38 9.48 4.95 -20.37
CA SER B 38 9.28 3.63 -20.94
C SER B 38 8.10 3.70 -21.91
N PRO B 39 7.88 2.60 -22.65
CA PRO B 39 6.75 2.59 -23.58
C PRO B 39 5.50 2.52 -22.71
N LEU B 40 4.33 2.68 -23.29
CA LEU B 40 3.08 2.58 -22.53
C LEU B 40 2.54 1.17 -22.71
N TYR B 41 2.09 0.55 -21.62
CA TYR B 41 1.57 -0.82 -21.65
C TYR B 41 0.16 -1.02 -21.14
N ARG B 42 -0.58 -1.92 -21.80
CA ARG B 42 -1.93 -2.27 -21.40
C ARG B 42 -1.77 -3.54 -20.57
N THR B 43 -2.24 -3.51 -19.32
CA THR B 43 -2.10 -4.67 -18.46
C THR B 43 -3.40 -5.08 -17.76
N LYS B 44 -3.41 -6.30 -17.25
CA LYS B 44 -4.57 -6.84 -16.56
C LYS B 44 -4.54 -6.44 -15.09
N PRO B 45 -5.64 -5.86 -14.60
CA PRO B 45 -5.76 -5.41 -13.21
C PRO B 45 -5.78 -6.55 -12.18
N LEU B 46 -5.05 -6.35 -11.09
CA LEU B 46 -4.97 -7.33 -10.02
C LEU B 46 -6.26 -7.30 -9.20
N GLY B 47 -6.60 -8.43 -8.58
CA GLY B 47 -7.80 -8.46 -7.77
C GLY B 47 -8.94 -9.17 -8.45
N PRO B 48 -9.86 -9.76 -7.68
CA PRO B 48 -11.03 -10.48 -8.21
C PRO B 48 -12.07 -9.61 -8.90
N GLN B 49 -12.12 -8.34 -8.54
CA GLN B 49 -13.09 -7.43 -9.14
C GLN B 49 -12.79 -7.23 -10.62
N ASP B 50 -13.83 -7.12 -11.44
CA ASP B 50 -13.64 -6.92 -12.86
C ASP B 50 -13.67 -5.41 -13.11
N GLN B 51 -12.60 -4.89 -13.68
CA GLN B 51 -12.52 -3.46 -13.96
C GLN B 51 -11.73 -3.22 -15.25
N PRO B 52 -11.62 -1.94 -15.68
CA PRO B 52 -10.90 -1.63 -16.92
C PRO B 52 -9.42 -2.04 -16.87
N ASP B 53 -8.84 -2.30 -18.03
CA ASP B 53 -7.43 -2.66 -18.09
C ASP B 53 -6.63 -1.47 -17.59
N PHE B 54 -5.39 -1.71 -17.21
CA PHE B 54 -4.53 -0.64 -16.74
C PHE B 54 -3.61 -0.13 -17.83
N LEU B 55 -3.23 1.13 -17.69
CA LEU B 55 -2.28 1.76 -18.54
C LEU B 55 -1.08 1.90 -17.62
N ASN B 56 0.02 1.21 -17.88
CA ASN B 56 1.20 1.30 -17.01
C ASN B 56 2.42 1.74 -17.77
N ALA B 57 3.24 2.53 -17.09
CA ALA B 57 4.49 3.06 -17.63
C ALA B 57 5.45 3.27 -16.46
N VAL B 58 6.73 3.41 -16.77
CA VAL B 58 7.76 3.63 -15.75
C VAL B 58 8.63 4.79 -16.23
N VAL B 59 8.98 5.68 -15.30
CA VAL B 59 9.84 6.79 -15.63
C VAL B 59 11.07 6.83 -14.73
N ALA B 60 12.19 7.22 -15.32
CA ALA B 60 13.44 7.34 -14.57
C ALA B 60 13.62 8.83 -14.35
N LEU B 61 13.98 9.18 -13.12
CA LEU B 61 14.15 10.57 -12.75
C LEU B 61 15.37 10.67 -11.85
N ASP B 62 16.07 11.80 -11.91
CA ASP B 62 17.19 12.02 -11.01
C ASP B 62 16.68 13.07 -10.04
N THR B 63 16.91 12.87 -8.75
CA THR B 63 16.42 13.83 -7.78
C THR B 63 17.32 14.08 -6.58
N SER B 64 17.13 15.24 -5.95
CA SER B 64 17.89 15.59 -4.75
C SER B 64 16.93 15.54 -3.57
N LEU B 65 15.65 15.35 -3.88
CA LEU B 65 14.62 15.27 -2.85
C LEU B 65 14.74 13.98 -2.06
N PRO B 66 14.64 14.06 -0.73
CA PRO B 66 14.73 12.84 0.09
C PRO B 66 13.43 12.03 -0.13
N PRO B 67 13.43 10.75 0.25
CA PRO B 67 12.24 9.89 0.07
C PRO B 67 10.90 10.51 0.45
N GLU B 68 10.80 11.02 1.68
CA GLU B 68 9.55 11.62 2.13
C GLU B 68 9.15 12.86 1.35
N GLN B 69 10.11 13.68 0.95
CA GLN B 69 9.75 14.87 0.18
C GLN B 69 9.29 14.42 -1.18
N LEU B 70 9.94 13.38 -1.72
CA LEU B 70 9.56 12.84 -3.02
C LEU B 70 8.12 12.30 -2.94
N LEU B 71 7.81 11.58 -1.87
CA LEU B 71 6.48 11.01 -1.68
C LEU B 71 5.40 12.11 -1.55
N ASP B 72 5.70 13.17 -0.79
CA ASP B 72 4.74 14.27 -0.65
C ASP B 72 4.44 14.85 -2.02
N HIS B 73 5.47 14.94 -2.86
CA HIS B 73 5.31 15.46 -4.20
C HIS B 73 4.53 14.55 -5.13
N THR B 74 4.83 13.25 -5.16
CA THR B 74 4.08 12.37 -6.04
C THR B 74 2.62 12.27 -5.60
N GLN B 75 2.38 12.23 -4.28
CA GLN B 75 1.00 12.16 -3.78
C GLN B 75 0.25 13.44 -4.12
N ALA B 76 0.96 14.56 -4.11
CA ALA B 76 0.33 15.84 -4.47
C ALA B 76 -0.18 15.72 -5.90
N ILE B 77 0.61 15.12 -6.78
CA ILE B 77 0.22 14.96 -8.18
C ILE B 77 -1.00 14.05 -8.28
N GLU B 78 -0.96 12.91 -7.59
CA GLU B 78 -2.09 11.97 -7.59
C GLU B 78 -3.33 12.72 -7.11
N ARG B 79 -3.18 13.41 -5.99
CA ARG B 79 -4.27 14.16 -5.37
C ARG B 79 -4.89 15.20 -6.30
N ASN B 80 -4.07 15.95 -7.01
CA ASN B 80 -4.59 16.98 -7.91
C ASN B 80 -5.43 16.33 -9.01
N GLN B 81 -4.88 15.29 -9.63
CA GLN B 81 -5.58 14.60 -10.70
C GLN B 81 -6.83 13.87 -10.21
N GLY B 82 -6.79 13.34 -8.98
CA GLY B 82 -7.93 12.64 -8.43
C GLY B 82 -9.06 13.58 -8.02
N ARG B 83 -8.71 14.66 -7.33
CA ARG B 83 -9.71 15.64 -6.90
C ARG B 83 -10.54 16.14 -8.08
N VAL B 84 -9.87 16.48 -9.17
CA VAL B 84 -10.53 16.97 -10.37
C VAL B 84 -11.67 16.06 -10.82
N ARG B 85 -11.49 14.75 -10.62
CA ARG B 85 -12.49 13.78 -11.01
C ARG B 85 -13.32 13.28 -9.82
N LYS B 86 -13.19 13.95 -8.68
CA LYS B 86 -13.91 13.57 -7.47
C LYS B 86 -13.80 12.05 -7.35
N GLU B 87 -12.59 11.56 -7.59
CA GLU B 87 -12.30 10.14 -7.56
C GLU B 87 -12.84 9.30 -6.39
N GLN B 88 -13.54 8.22 -6.74
CA GLN B 88 -14.08 7.30 -5.76
C GLN B 88 -13.00 6.27 -5.47
N ARG B 89 -12.83 5.92 -4.20
CA ARG B 89 -11.81 4.94 -3.83
C ARG B 89 -12.05 3.57 -4.47
N TRP B 90 -13.30 3.14 -4.46
CA TRP B 90 -13.68 1.84 -5.04
C TRP B 90 -14.25 1.98 -6.43
N GLY B 91 -13.36 2.19 -7.39
CA GLY B 91 -13.74 2.34 -8.77
C GLY B 91 -12.45 2.49 -9.54
N PRO B 92 -12.49 2.84 -10.84
CA PRO B 92 -11.26 3.00 -11.62
C PRO B 92 -10.30 3.97 -10.94
N ARG B 93 -9.01 3.70 -11.04
CA ARG B 93 -7.99 4.55 -10.43
C ARG B 93 -7.55 5.60 -11.43
N THR B 94 -7.59 6.87 -11.02
CA THR B 94 -7.21 7.98 -11.88
C THR B 94 -5.71 7.97 -12.17
N LEU B 95 -4.93 8.00 -11.10
CA LEU B 95 -3.48 8.00 -11.25
C LEU B 95 -2.83 7.47 -9.99
N ASP B 96 -1.98 6.47 -10.15
CA ASP B 96 -1.28 5.88 -9.03
C ASP B 96 0.22 5.95 -9.32
N LEU B 97 0.95 6.68 -8.48
CA LEU B 97 2.41 6.82 -8.64
C LEU B 97 3.16 6.07 -7.54
N ASP B 98 3.78 4.97 -7.89
CA ASP B 98 4.51 4.21 -6.88
C ASP B 98 6.01 4.38 -7.05
N ILE B 99 6.70 4.68 -5.96
CA ILE B 99 8.14 4.84 -6.03
C ILE B 99 8.66 3.42 -6.01
N MET B 100 9.16 2.98 -7.15
CA MET B 100 9.67 1.63 -7.31
C MET B 100 11.04 1.42 -6.67
N LEU B 101 11.94 2.36 -6.95
CA LEU B 101 13.30 2.30 -6.45
C LEU B 101 13.81 3.69 -6.16
N TYR B 102 14.63 3.81 -5.12
CA TYR B 102 15.24 5.08 -4.75
C TYR B 102 16.73 4.79 -4.67
N GLY B 103 17.44 5.04 -5.77
CA GLY B 103 18.86 4.74 -5.79
C GLY B 103 18.99 3.26 -5.51
N ASP B 104 20.00 2.88 -4.75
CA ASP B 104 20.21 1.48 -4.40
C ASP B 104 19.92 1.30 -2.91
N GLN B 105 19.01 2.13 -2.41
CA GLN B 105 18.66 2.11 -0.99
C GLN B 105 17.38 1.35 -0.64
N VAL B 106 17.35 0.89 0.61
CA VAL B 106 16.21 0.18 1.16
C VAL B 106 15.60 1.17 2.14
N ILE B 107 14.43 1.67 1.82
CA ILE B 107 13.74 2.64 2.67
C ILE B 107 12.57 1.93 3.36
N LYS B 108 12.48 2.09 4.68
CA LYS B 108 11.41 1.46 5.47
C LYS B 108 10.96 2.41 6.56
N THR B 109 9.85 3.09 6.35
CA THR B 109 9.34 4.03 7.35
C THR B 109 7.85 3.81 7.59
N ASP B 110 7.23 4.70 8.35
CA ASP B 110 5.82 4.57 8.62
C ASP B 110 4.99 4.85 7.36
N ARG B 111 5.60 5.51 6.38
CA ARG B 111 4.90 5.85 5.13
C ARG B 111 5.51 5.21 3.88
N LEU B 112 6.68 4.59 4.01
CA LEU B 112 7.35 4.01 2.85
C LEU B 112 8.01 2.65 2.99
N THR B 113 8.02 1.94 1.88
CA THR B 113 8.74 0.68 1.76
C THR B 113 9.23 0.73 0.31
N ILE B 114 10.54 0.89 0.16
CA ILE B 114 11.20 0.97 -1.14
C ILE B 114 12.39 0.04 -1.05
N PRO B 115 12.55 -0.87 -2.04
CA PRO B 115 11.74 -1.11 -3.23
C PRO B 115 10.27 -1.38 -2.93
N HIS B 116 9.39 -1.01 -3.86
CA HIS B 116 7.96 -1.24 -3.71
C HIS B 116 7.80 -2.73 -3.44
N TYR B 117 7.00 -3.06 -2.45
CA TYR B 117 6.79 -4.45 -2.05
C TYR B 117 6.47 -5.42 -3.18
N GLY B 118 5.75 -4.96 -4.20
CA GLY B 118 5.38 -5.86 -5.27
C GLY B 118 6.17 -5.79 -6.56
N LEU B 119 7.24 -5.00 -6.58
CA LEU B 119 8.03 -4.83 -7.77
C LEU B 119 8.45 -6.14 -8.43
N LYS B 120 9.05 -7.03 -7.65
CA LYS B 120 9.55 -8.29 -8.17
C LYS B 120 8.49 -9.33 -8.56
N ALA B 121 7.21 -9.00 -8.43
CA ALA B 121 6.15 -9.92 -8.78
C ALA B 121 5.18 -9.31 -9.78
N ARG B 122 5.40 -8.04 -10.12
CA ARG B 122 4.51 -7.32 -11.03
C ARG B 122 5.11 -7.09 -12.42
N GLU B 123 4.54 -7.75 -13.41
CA GLU B 123 5.04 -7.61 -14.77
C GLU B 123 4.85 -6.20 -15.30
N PHE B 124 3.81 -5.52 -14.84
CA PHE B 124 3.54 -4.15 -15.29
C PHE B 124 4.53 -3.14 -14.73
N MET B 125 5.41 -3.60 -13.84
CA MET B 125 6.45 -2.75 -13.29
C MET B 125 7.80 -3.19 -13.84
N LEU B 126 8.04 -4.49 -13.82
CA LEU B 126 9.30 -5.08 -14.29
C LEU B 126 9.61 -4.90 -15.77
N TYR B 127 8.64 -5.22 -16.62
CA TYR B 127 8.86 -5.10 -18.06
C TYR B 127 9.17 -3.69 -18.48
N PRO B 128 8.33 -2.72 -18.10
CA PRO B 128 8.63 -1.34 -18.51
C PRO B 128 9.99 -0.92 -17.93
N LEU B 129 10.28 -1.37 -16.70
CA LEU B 129 11.55 -1.04 -16.07
C LEU B 129 12.71 -1.58 -16.91
N ALA B 130 12.57 -2.81 -17.39
CA ALA B 130 13.63 -3.43 -18.19
C ALA B 130 13.86 -2.72 -19.52
N ASP B 131 12.83 -2.07 -20.04
CA ASP B 131 12.98 -1.33 -21.29
C ASP B 131 13.98 -0.18 -21.14
N ILE B 132 13.92 0.52 -20.01
CA ILE B 132 14.82 1.66 -19.81
C ILE B 132 16.02 1.38 -18.92
N ALA B 133 16.02 0.24 -18.25
CA ALA B 133 17.13 -0.12 -17.37
C ALA B 133 17.36 -1.62 -17.38
N PRO B 134 17.71 -2.19 -18.54
CA PRO B 134 17.95 -3.63 -18.68
C PRO B 134 19.01 -4.27 -17.77
N ASP B 135 20.10 -3.57 -17.49
CA ASP B 135 21.16 -4.14 -16.66
C ASP B 135 21.03 -3.84 -15.18
N LEU B 136 19.87 -3.34 -14.78
CA LEU B 136 19.63 -2.99 -13.40
C LEU B 136 19.72 -4.20 -12.47
N ILE B 137 20.27 -3.95 -11.28
CA ILE B 137 20.40 -4.97 -10.24
C ILE B 137 19.73 -4.38 -9.01
N PHE B 138 18.80 -5.12 -8.43
CA PHE B 138 18.09 -4.64 -7.25
C PHE B 138 18.96 -4.55 -5.99
N PRO B 139 18.50 -3.78 -4.99
CA PRO B 139 19.24 -3.61 -3.74
C PRO B 139 19.60 -4.92 -3.04
N ASP B 140 18.78 -5.96 -3.25
CA ASP B 140 19.03 -7.26 -2.63
C ASP B 140 19.92 -8.18 -3.47
N GLY B 141 20.54 -7.63 -4.51
CA GLY B 141 21.44 -8.44 -5.33
C GLY B 141 20.89 -9.11 -6.58
N GLU B 142 19.59 -9.40 -6.62
CA GLU B 142 19.02 -10.06 -7.78
C GLU B 142 18.95 -9.07 -8.93
N SER B 143 19.32 -9.50 -10.13
CA SER B 143 19.29 -8.63 -11.29
C SER B 143 17.89 -8.65 -11.91
N LEU B 144 17.54 -7.54 -12.56
CA LEU B 144 16.24 -7.43 -13.19
C LEU B 144 16.04 -8.53 -14.24
N SER B 145 17.06 -8.78 -15.06
CA SER B 145 16.96 -9.80 -16.10
C SER B 145 16.61 -11.17 -15.52
N GLU B 146 17.05 -11.44 -14.30
CA GLU B 146 16.75 -12.71 -13.64
C GLU B 146 15.28 -12.73 -13.24
N CYS B 147 14.80 -11.61 -12.69
CA CYS B 147 13.40 -11.51 -12.28
C CYS B 147 12.47 -11.75 -13.46
N LEU B 148 12.80 -11.14 -14.60
CA LEU B 148 11.99 -11.28 -15.81
C LEU B 148 11.76 -12.74 -16.20
N LYS B 149 12.78 -13.57 -16.00
CA LYS B 149 12.67 -14.98 -16.34
C LYS B 149 11.66 -15.67 -15.43
N ARG B 150 11.46 -15.09 -14.24
CA ARG B 150 10.54 -15.64 -13.26
C ARG B 150 9.12 -15.08 -13.39
N VAL B 151 9.00 -13.87 -13.91
CA VAL B 151 7.69 -13.25 -14.06
C VAL B 151 7.26 -13.16 -15.52
N ASP B 152 6.12 -13.77 -15.81
CA ASP B 152 5.55 -13.81 -17.15
C ASP B 152 4.90 -12.47 -17.50
N LYS B 153 4.72 -12.20 -18.79
CA LYS B 153 4.09 -10.94 -19.22
C LYS B 153 2.68 -10.88 -18.66
N ASN B 154 2.09 -12.04 -18.39
CA ASN B 154 0.75 -12.13 -17.83
C ASN B 154 -0.28 -11.33 -18.59
N GLY B 155 -0.21 -11.36 -19.92
CA GLY B 155 -1.18 -10.64 -20.73
C GLY B 155 -0.79 -9.21 -21.07
N LEU B 156 0.37 -8.80 -20.59
CA LEU B 156 0.86 -7.46 -20.84
C LEU B 156 1.20 -7.25 -22.31
N VAL B 157 0.63 -6.19 -22.89
CA VAL B 157 0.87 -5.84 -24.29
C VAL B 157 1.01 -4.33 -24.44
N LEU B 158 1.46 -3.90 -25.61
CA LEU B 158 1.61 -2.47 -25.91
C LEU B 158 0.24 -1.84 -25.86
N TRP B 159 0.15 -0.62 -25.36
CA TRP B 159 -1.13 0.07 -25.28
C TRP B 159 -1.61 0.47 -26.68
#